data_5V5C
# 
_entry.id   5V5C 
# 
_audit_conform.dict_name       mmcif_pdbx.dic 
_audit_conform.dict_version    5.387 
_audit_conform.dict_location   http://mmcif.pdb.org/dictionaries/ascii/mmcif_pdbx.dic 
# 
loop_
_database_2.database_id 
_database_2.database_code 
_database_2.pdbx_database_accession 
_database_2.pdbx_DOI 
PDB   5V5C         pdb_00005v5c 10.2210/pdb5v5c/pdb 
WWPDB D_1000226898 ?            ?                   
EMDB  EMD-8635     ?            ?                   
# 
loop_
_pdbx_audit_revision_history.ordinal 
_pdbx_audit_revision_history.data_content_type 
_pdbx_audit_revision_history.major_revision 
_pdbx_audit_revision_history.minor_revision 
_pdbx_audit_revision_history.revision_date 
1 'Structure model' 1 0 2018-02-07 
2 'Structure model' 1 1 2018-02-14 
3 'Structure model' 1 2 2018-06-06 
4 'Structure model' 1 3 2019-12-18 
5 'Structure model' 1 4 2024-03-13 
# 
_pdbx_audit_revision_details.ordinal             1 
_pdbx_audit_revision_details.revision_ordinal    1 
_pdbx_audit_revision_details.data_content_type   'Structure model' 
_pdbx_audit_revision_details.provider            repository 
_pdbx_audit_revision_details.type                'Initial release' 
_pdbx_audit_revision_details.description         ? 
_pdbx_audit_revision_details.details             ? 
# 
loop_
_pdbx_audit_revision_group.ordinal 
_pdbx_audit_revision_group.revision_ordinal 
_pdbx_audit_revision_group.data_content_type 
_pdbx_audit_revision_group.group 
1 2 'Structure model' 'Author supporting evidence' 
2 3 'Structure model' 'Data collection'            
3 3 'Structure model' 'Refinement description'     
4 4 'Structure model' 'Author supporting evidence' 
5 5 'Structure model' 'Data collection'            
6 5 'Structure model' 'Database references'        
# 
loop_
_pdbx_audit_revision_category.ordinal 
_pdbx_audit_revision_category.revision_ordinal 
_pdbx_audit_revision_category.data_content_type 
_pdbx_audit_revision_category.category 
1 2 'Structure model' pdbx_audit_support 
2 3 'Structure model' software           
3 4 'Structure model' pdbx_audit_support 
4 5 'Structure model' chem_comp_atom     
5 5 'Structure model' chem_comp_bond     
6 5 'Structure model' database_2         
# 
loop_
_pdbx_audit_revision_item.ordinal 
_pdbx_audit_revision_item.revision_ordinal 
_pdbx_audit_revision_item.data_content_type 
_pdbx_audit_revision_item.item 
1 2 'Structure model' '_pdbx_audit_support.funding_organization' 
2 4 'Structure model' '_pdbx_audit_support.funding_organization' 
3 5 'Structure model' '_database_2.pdbx_DOI'                     
4 5 'Structure model' '_database_2.pdbx_database_accession'      
# 
_pdbx_database_status.status_code                     REL 
_pdbx_database_status.status_code_sf                  REL 
_pdbx_database_status.status_code_mr                  ? 
_pdbx_database_status.entry_id                        5V5C 
_pdbx_database_status.recvd_initial_deposition_date   2017-03-14 
_pdbx_database_status.SG_entry                        N 
_pdbx_database_status.deposit_site                    RCSB 
_pdbx_database_status.process_site                    RCSB 
_pdbx_database_status.status_code_cs                  ? 
_pdbx_database_status.methods_development_category    ? 
_pdbx_database_status.pdb_format_compatible           Y 
_pdbx_database_status.status_code_nmr_data            ? 
# 
loop_
_pdbx_database_related.db_name 
_pdbx_database_related.details 
_pdbx_database_related.db_id 
_pdbx_database_related.content_type 
EMDB 'VQIINK, Structure of the amyloid-spine from microtubule associated protein tau Repeat 2'     EMD-8635 'associated EM volume' 
EMDB 'KVQIINKKLD, Structure of the amyloid-spine from microtubule associated protein tau Repeat 2' EMD-8634 'other EM volume'      
PDB  .                                                                                             5V5B     unspecified            
# 
loop_
_audit_author.name 
_audit_author.pdbx_ordinal 
_audit_author.identifier_ORCID 
'Seidler, P.M.'   1 ?                   
'Sawaya, M.R.'    2 0000-0003-0874-9043 
'Rodriguez, J.A.' 3 ?                   
'Eisenberg, D.S.' 4 ?                   
'Cascio, D.'      5 0000-0002-3877-6803 
'Boyer, D.R.'     6 ?                   
# 
_citation.abstract                  ? 
_citation.abstract_id_CAS           ? 
_citation.book_id_ISBN              ? 
_citation.book_publisher            ? 
_citation.book_publisher_city       ? 
_citation.book_title                ? 
_citation.coordinate_linkage        ? 
_citation.country                   UK 
_citation.database_id_Medline       ? 
_citation.details                   ? 
_citation.id                        primary 
_citation.journal_abbrev            'Nat Chem' 
_citation.journal_id_ASTM           ? 
_citation.journal_id_CSD            ? 
_citation.journal_id_ISSN           1755-4349 
_citation.journal_full              ? 
_citation.journal_issue             ? 
_citation.journal_volume            10 
_citation.language                  ? 
_citation.page_first                170 
_citation.page_last                 176 
_citation.title                     'Structure-based inhibitors of tau aggregation.' 
_citation.year                      2018 
_citation.database_id_CSD           ? 
_citation.pdbx_database_id_DOI      10.1038/nchem.2889 
_citation.pdbx_database_id_PubMed   29359764 
_citation.unpublished_flag          ? 
# 
loop_
_citation_author.citation_id 
_citation_author.name 
_citation_author.ordinal 
_citation_author.identifier_ORCID 
primary 'Seidler, P.M.'   1 ? 
primary 'Boyer, D.R.'     2 ? 
primary 'Rodriguez, J.A.' 3 ? 
primary 'Sawaya, M.R.'    4 ? 
primary 'Cascio, D.'      5 ? 
primary 'Murray, K.'      6 ? 
primary 'Gonen, T.'       7 ? 
primary 'Eisenberg, D.S.' 8 ? 
# 
_entity.id                         1 
_entity.type                       polymer 
_entity.src_method                 syn 
_entity.pdbx_description           'Microtubule-associated protein tau' 
_entity.formula_weight             714.873 
_entity.pdbx_number_of_molecules   1 
_entity.pdbx_ec                    ? 
_entity.pdbx_mutation              ? 
_entity.pdbx_fragment              'Repeat 2 peptide (UNP residues 592-597)' 
_entity.details                    ? 
# 
_entity_name_com.entity_id   1 
_entity_name_com.name        'Neurofibrillary tangle protein, Paired helical filament-tau, PHF-tau' 
# 
_entity_poly.entity_id                      1 
_entity_poly.type                           'polypeptide(L)' 
_entity_poly.nstd_linkage                   no 
_entity_poly.nstd_monomer                   no 
_entity_poly.pdbx_seq_one_letter_code       VQIINK 
_entity_poly.pdbx_seq_one_letter_code_can   VQIINK 
_entity_poly.pdbx_strand_id                 A 
_entity_poly.pdbx_target_identifier         ? 
# 
loop_
_entity_poly_seq.entity_id 
_entity_poly_seq.num 
_entity_poly_seq.mon_id 
_entity_poly_seq.hetero 
1 1 VAL n 
1 2 GLN n 
1 3 ILE n 
1 4 ILE n 
1 5 ASN n 
1 6 LYS n 
# 
_pdbx_entity_src_syn.entity_id              1 
_pdbx_entity_src_syn.pdbx_src_id            1 
_pdbx_entity_src_syn.pdbx_alt_source_flag   sample 
_pdbx_entity_src_syn.pdbx_beg_seq_num       1 
_pdbx_entity_src_syn.pdbx_end_seq_num       6 
_pdbx_entity_src_syn.organism_scientific    'Homo sapiens' 
_pdbx_entity_src_syn.organism_common_name   Human 
_pdbx_entity_src_syn.ncbi_taxonomy_id       9606 
_pdbx_entity_src_syn.details                ? 
# 
loop_
_chem_comp.id 
_chem_comp.type 
_chem_comp.mon_nstd_flag 
_chem_comp.name 
_chem_comp.pdbx_synonyms 
_chem_comp.formula 
_chem_comp.formula_weight 
ASN 'L-peptide linking' y ASPARAGINE ? 'C4 H8 N2 O3'    132.118 
GLN 'L-peptide linking' y GLUTAMINE  ? 'C5 H10 N2 O3'   146.144 
ILE 'L-peptide linking' y ISOLEUCINE ? 'C6 H13 N O2'    131.173 
LYS 'L-peptide linking' y LYSINE     ? 'C6 H15 N2 O2 1' 147.195 
VAL 'L-peptide linking' y VALINE     ? 'C5 H11 N O2'    117.146 
# 
loop_
_pdbx_poly_seq_scheme.asym_id 
_pdbx_poly_seq_scheme.entity_id 
_pdbx_poly_seq_scheme.seq_id 
_pdbx_poly_seq_scheme.mon_id 
_pdbx_poly_seq_scheme.ndb_seq_num 
_pdbx_poly_seq_scheme.pdb_seq_num 
_pdbx_poly_seq_scheme.auth_seq_num 
_pdbx_poly_seq_scheme.pdb_mon_id 
_pdbx_poly_seq_scheme.auth_mon_id 
_pdbx_poly_seq_scheme.pdb_strand_id 
_pdbx_poly_seq_scheme.pdb_ins_code 
_pdbx_poly_seq_scheme.hetero 
A 1 1 VAL 1 275 275 VAL VAL A . n 
A 1 2 GLN 2 276 276 GLN GLN A . n 
A 1 3 ILE 3 277 277 ILE ILE A . n 
A 1 4 ILE 4 278 278 ILE ILE A . n 
A 1 5 ASN 5 279 279 ASN ASN A . n 
A 1 6 LYS 6 280 280 LYS LYS A . n 
# 
loop_
_software.citation_id 
_software.classification 
_software.compiler_name 
_software.compiler_version 
_software.contact_author 
_software.contact_author_email 
_software.date 
_software.description 
_software.dependencies 
_software.hardware 
_software.language 
_software.location 
_software.mods 
_software.name 
_software.os 
_software.os_version 
_software.type 
_software.version 
_software.pdbx_ordinal 
? 'data scaling'    ? ? 'Wolfgang Kabsch' ?                                ?                ? ? ? ?   
http://www.mpimf-heidelberg.mpg.de/~kabsch/xds/html_doc/xscale_program.html ? XSCALE      ? ? package .    1 
? phasing           ? ? 'Randy J. Read'   cimr-phaser@lists.cam.ac.uk      ?                ? ? ? ?   
http://www-structmed.cimr.cam.ac.uk/phaser/                                 ? PHASER      ? ? program .    2 
? refinement        ? ? 'Gerard Bricogne' buster-develop@GlobalPhasing.com ?                ? ? ? ?   
http://www.globalphasing.com/buster/                                        ? BUSTER      ? ? program .    3 
? 'data extraction' ? ? PDB               deposit@deposit.rcsb.org         'July. 13, 2016' ? ? ? C++ 
http://sw-tools.pdb.org/apps/PDB_EXTRACT/                                   ? PDB_EXTRACT ? ? package 3.22 4 
? 'data reduction'  ? ? ?                 ?                                ?                ? ? ? ?   ? ? XDS         ? ? ?       
.    5 
# 
_cell.angle_alpha                  90.000 
_cell.angle_alpha_esd              ? 
_cell.angle_beta                   90.000 
_cell.angle_beta_esd               ? 
_cell.angle_gamma                  90.000 
_cell.angle_gamma_esd              ? 
_cell.entry_id                     5V5C 
_cell.details                      ? 
_cell.formula_units_Z              ? 
_cell.length_a                     20.360 
_cell.length_a_esd                 ? 
_cell.length_b                     43.220 
_cell.length_b_esd                 ? 
_cell.length_c                     4.820 
_cell.length_c_esd                 ? 
_cell.volume                       ? 
_cell.volume_esd                   ? 
_cell.Z_PDB                        4 
_cell.reciprocal_angle_alpha       ? 
_cell.reciprocal_angle_beta        ? 
_cell.reciprocal_angle_gamma       ? 
_cell.reciprocal_angle_alpha_esd   ? 
_cell.reciprocal_angle_beta_esd    ? 
_cell.reciprocal_angle_gamma_esd   ? 
_cell.reciprocal_length_a          ? 
_cell.reciprocal_length_b          ? 
_cell.reciprocal_length_c          ? 
_cell.reciprocal_length_a_esd      ? 
_cell.reciprocal_length_b_esd      ? 
_cell.reciprocal_length_c_esd      ? 
_cell.pdbx_unique_axis             ? 
# 
_symmetry.entry_id                         5V5C 
_symmetry.cell_setting                     ? 
_symmetry.Int_Tables_number                18 
_symmetry.space_group_name_Hall            ? 
_symmetry.space_group_name_H-M             'P 21 21 2' 
_symmetry.pdbx_full_space_group_name_H-M   ? 
# 
_exptl.absorpt_coefficient_mu     ? 
_exptl.absorpt_correction_T_max   ? 
_exptl.absorpt_correction_T_min   ? 
_exptl.absorpt_correction_type    ? 
_exptl.absorpt_process_details    ? 
_exptl.entry_id                   5V5C 
_exptl.crystals_number            ? 
_exptl.details                    ? 
_exptl.method                     'ELECTRON CRYSTALLOGRAPHY' 
_exptl.method_details             ? 
# 
_exptl_crystal.colour                      ? 
_exptl_crystal.density_diffrn              ? 
_exptl_crystal.density_Matthews            1.48 
_exptl_crystal.density_method              ? 
_exptl_crystal.density_percent_sol         17.08 
_exptl_crystal.description                 ? 
_exptl_crystal.F_000                       ? 
_exptl_crystal.id                          1 
_exptl_crystal.preparation                 ? 
_exptl_crystal.size_max                    ? 
_exptl_crystal.size_mid                    ? 
_exptl_crystal.size_min                    ? 
_exptl_crystal.size_rad                    ? 
_exptl_crystal.colour_lustre               ? 
_exptl_crystal.colour_modifier             ? 
_exptl_crystal.colour_primary              ? 
_exptl_crystal.density_meas                ? 
_exptl_crystal.density_meas_esd            ? 
_exptl_crystal.density_meas_gt             ? 
_exptl_crystal.density_meas_lt             ? 
_exptl_crystal.density_meas_temp           ? 
_exptl_crystal.density_meas_temp_esd       ? 
_exptl_crystal.density_meas_temp_gt        ? 
_exptl_crystal.density_meas_temp_lt        ? 
_exptl_crystal.pdbx_crystal_image_url      ? 
_exptl_crystal.pdbx_crystal_image_format   ? 
_exptl_crystal.pdbx_mosaicity              ? 
_exptl_crystal.pdbx_mosaicity_esd          ? 
# 
_exptl_crystal_grow.apparatus       ? 
_exptl_crystal_grow.atmosphere      ? 
_exptl_crystal_grow.crystal_id      1 
_exptl_crystal_grow.details         ? 
_exptl_crystal_grow.method          'VAPOR DIFFUSION, HANGING DROP' 
_exptl_crystal_grow.method_ref      ? 
_exptl_crystal_grow.pH              7.0 
_exptl_crystal_grow.pressure        ? 
_exptl_crystal_grow.pressure_esd    ? 
_exptl_crystal_grow.seeding         ? 
_exptl_crystal_grow.seeding_ref     ? 
_exptl_crystal_grow.temp            291 
_exptl_crystal_grow.temp_details    ? 
_exptl_crystal_grow.temp_esd        ? 
_exptl_crystal_grow.time            ? 
_exptl_crystal_grow.pdbx_details    '0.29 M lithium nitrate, 24% PEG3350' 
_exptl_crystal_grow.pdbx_pH_range   ? 
# 
_diffrn.ambient_environment    ? 
_diffrn.ambient_temp           100 
_diffrn.ambient_temp_details   ? 
_diffrn.ambient_temp_esd       ? 
_diffrn.crystal_id             1 
_diffrn.crystal_support        ? 
_diffrn.crystal_treatment      ? 
_diffrn.details                ? 
_diffrn.id                     1 
_diffrn.ambient_pressure       ? 
_diffrn.ambient_pressure_esd   ? 
_diffrn.ambient_pressure_gt    ? 
_diffrn.ambient_pressure_lt    ? 
_diffrn.ambient_temp_gt        ? 
_diffrn.ambient_temp_lt        ? 
# 
_diffrn_detector.details                      ? 
_diffrn_detector.detector                     CMOS 
_diffrn_detector.diffrn_id                    1 
_diffrn_detector.type                         'TVIPS TEMCAM-F416' 
_diffrn_detector.area_resol_mean              ? 
_diffrn_detector.dtime                        ? 
_diffrn_detector.pdbx_frames_total            ? 
_diffrn_detector.pdbx_collection_time_total   ? 
_diffrn_detector.pdbx_collection_date         2016-08-25 
# 
_diffrn_radiation_wavelength.id           1 
_diffrn_radiation_wavelength.wavelength   0.0251 
_diffrn_radiation_wavelength.wt           1.0 
# 
_diffrn_source.current                     ? 
_diffrn_source.details                     ? 
_diffrn_source.diffrn_id                   1 
_diffrn_source.power                       ? 
_diffrn_source.size                        ? 
_diffrn_source.source                      'ELECTRON MICROSCOPE' 
_diffrn_source.target                      ? 
_diffrn_source.type                        'TECNAI F20 TEM' 
_diffrn_source.voltage                     ? 
_diffrn_source.take-off_angle              ? 
_diffrn_source.pdbx_wavelength_list        0.0251 
_diffrn_source.pdbx_wavelength             ? 
_diffrn_source.pdbx_synchrotron_beamline   ? 
_diffrn_source.pdbx_synchrotron_site       ? 
# 
_reflns.B_iso_Wilson_estimate            5.870 
_reflns.entry_id                         5V5C 
_reflns.data_reduction_details           ? 
_reflns.data_reduction_method            ? 
_reflns.d_resolution_high                1.250 
_reflns.d_resolution_low                 10.180 
_reflns.details                          ? 
_reflns.limit_h_max                      ? 
_reflns.limit_h_min                      ? 
_reflns.limit_k_max                      ? 
_reflns.limit_k_min                      ? 
_reflns.limit_l_max                      ? 
_reflns.limit_l_min                      ? 
_reflns.number_all                       ? 
_reflns.number_obs                       1226 
_reflns.observed_criterion               ? 
_reflns.observed_criterion_F_max         ? 
_reflns.observed_criterion_F_min         ? 
_reflns.observed_criterion_I_max         ? 
_reflns.observed_criterion_I_min         ? 
_reflns.observed_criterion_sigma_F       ? 
_reflns.observed_criterion_sigma_I       -3.000 
_reflns.percent_possible_obs             86.800 
_reflns.R_free_details                   ? 
_reflns.Rmerge_F_all                     ? 
_reflns.Rmerge_F_obs                     ? 
_reflns.Friedel_coverage                 ? 
_reflns.number_gt                        ? 
_reflns.threshold_expression             ? 
_reflns.pdbx_redundancy                  4.449 
_reflns.pdbx_Rmerge_I_obs                0.239 
_reflns.pdbx_Rmerge_I_all                ? 
_reflns.pdbx_Rsym_value                  ? 
_reflns.pdbx_netI_over_av_sigmaI         ? 
_reflns.pdbx_netI_over_sigmaI            3.580 
_reflns.pdbx_res_netI_over_av_sigmaI_2   ? 
_reflns.pdbx_res_netI_over_sigmaI_2      ? 
_reflns.pdbx_chi_squared                 0.821 
_reflns.pdbx_scaling_rejects             5 
_reflns.pdbx_d_res_high_opt              ? 
_reflns.pdbx_d_res_low_opt               ? 
_reflns.pdbx_d_res_opt_method            ? 
_reflns.phase_calculation_details        ? 
_reflns.pdbx_Rrim_I_all                  0.265 
_reflns.pdbx_Rpim_I_all                  ? 
_reflns.pdbx_d_opt                       ? 
_reflns.pdbx_number_measured_all         5454 
_reflns.pdbx_diffrn_id                   1 
_reflns.pdbx_ordinal                     1 
_reflns.pdbx_CC_half                     0.986 
_reflns.pdbx_R_split                     ? 
# 
loop_
_reflns_shell.d_res_high 
_reflns_shell.d_res_low 
_reflns_shell.meanI_over_sigI_all 
_reflns_shell.meanI_over_sigI_obs 
_reflns_shell.number_measured_all 
_reflns_shell.number_measured_obs 
_reflns_shell.number_possible 
_reflns_shell.number_unique_all 
_reflns_shell.number_unique_obs 
_reflns_shell.percent_possible_all 
_reflns_shell.percent_possible_obs 
_reflns_shell.Rmerge_F_all 
_reflns_shell.Rmerge_F_obs 
_reflns_shell.Rmerge_I_all 
_reflns_shell.Rmerge_I_obs 
_reflns_shell.meanI_over_sigI_gt 
_reflns_shell.meanI_over_uI_all 
_reflns_shell.meanI_over_uI_gt 
_reflns_shell.number_measured_gt 
_reflns_shell.number_unique_gt 
_reflns_shell.percent_possible_gt 
_reflns_shell.Rmerge_F_gt 
_reflns_shell.Rmerge_I_gt 
_reflns_shell.pdbx_redundancy 
_reflns_shell.pdbx_Rsym_value 
_reflns_shell.pdbx_chi_squared 
_reflns_shell.pdbx_netI_over_sigmaI_all 
_reflns_shell.pdbx_netI_over_sigmaI_obs 
_reflns_shell.pdbx_Rrim_I_all 
_reflns_shell.pdbx_Rpim_I_all 
_reflns_shell.pdbx_rejects 
_reflns_shell.pdbx_ordinal 
_reflns_shell.pdbx_diffrn_id 
_reflns_shell.pdbx_CC_half 
_reflns_shell.pdbx_R_split 
1.250 1.310  ? 1.590 ? 267 148 ? 106 71.600  ? ? ? ? 0.475 ? ? ? ? ? ? ? ? 2.519 ? ? ? ? 0.599 ? ? 1  1 0.554 ? 
1.310 1.370  ? 1.550 ? 390 153 ? 123 80.400  ? ? ? ? 0.560 ? ? ? ? ? ? ? ? 3.171 ? ? ? ? 0.665 ? ? 2  1 ?     ? 
1.370 1.440  ? 1.320 ? 447 152 ? 120 78.900  ? ? ? ? 0.825 ? ? ? ? ? ? ? ? 3.725 ? ? ? ? 0.949 ? ? 3  1 ?     ? 
1.440 1.530  ? 2.110 ? 575 155 ? 131 84.500  ? ? ? ? 0.648 ? ? ? ? ? ? ? ? 4.389 ? ? ? ? 0.725 ? ? 4  1 0.360 ? 
1.530 1.640  ? 3.080 ? 606 145 ? 128 88.300  ? ? ? ? 0.398 ? ? ? ? ? ? ? ? 4.734 ? ? ? ? 0.437 ? ? 5  1 0.892 ? 
1.640 1.770  ? 2.600 ? 474 114 ? 108 94.700  ? ? ? ? 0.449 ? ? ? ? ? ? ? ? 4.389 ? ? ? ? 0.498 ? ? 6  1 0.553 ? 
1.770 1.940  ? 3.280 ? 536 115 ? 109 94.800  ? ? ? ? 0.385 ? ? ? ? ? ? ? ? 4.917 ? ? ? ? 0.423 ? ? 7  1 0.808 ? 
1.940 2.170  ? 5.050 ? 626 118 ? 113 95.800  ? ? ? ? 0.297 ? ? ? ? ? ? ? ? 5.540 ? ? ? ? 0.324 ? ? 8  1 0.800 ? 
2.170 2.500  ? 5.840 ? 639 110 ? 110 100.000 ? ? ? ? 0.266 ? ? ? ? ? ? ? ? 5.809 ? ? ? ? 0.291 ? ? 9  1 0.995 ? 
2.500 3.060  ? 5.160 ? 312 76  ? 71  93.400  ? ? ? ? 0.225 ? ? ? ? ? ? ? ? 4.394 ? ? ? ? 0.252 ? ? 10 1 0.935 ? 
3.060 4.330  ? 9.400 ? 399 79  ? 71  89.900  ? ? ? ? 0.158 ? ? ? ? ? ? ? ? 5.620 ? ? ? ? 0.175 ? ? 11 1 0.978 ? 
4.330 10.180 ? 8.760 ? 183 47  ? 36  76.600  ? ? ? ? 0.132 ? ? ? ? ? ? ? ? 5.083 ? ? ? ? 0.142 ? ? 12 1 0.995 ? 
# 
_refine.aniso_B[1][1]                            0.3575 
_refine.aniso_B[1][2]                            0.0000 
_refine.aniso_B[1][3]                            0.0000 
_refine.aniso_B[2][2]                            -4.8859 
_refine.aniso_B[2][3]                            0.0000 
_refine.aniso_B[3][3]                            4.5283 
_refine.B_iso_max                                49.960 
_refine.B_iso_mean                               15.3000 
_refine.B_iso_min                                3.000 
_refine.correlation_coeff_Fo_to_Fc               0.9086 
_refine.correlation_coeff_Fo_to_Fc_free          0.9428 
_refine.details                                  ? 
_refine.diff_density_max                         ? 
_refine.diff_density_max_esd                     ? 
_refine.diff_density_min                         ? 
_refine.diff_density_min_esd                     ? 
_refine.diff_density_rms                         ? 
_refine.diff_density_rms_esd                     ? 
_refine.entry_id                                 5V5C 
_refine.pdbx_refine_id                           'ELECTRON CRYSTALLOGRAPHY' 
_refine.ls_abs_structure_details                 ? 
_refine.ls_abs_structure_Flack                   ? 
_refine.ls_abs_structure_Flack_esd               ? 
_refine.ls_abs_structure_Rogers                  ? 
_refine.ls_abs_structure_Rogers_esd              ? 
_refine.ls_d_res_high                            1.2500 
_refine.ls_d_res_low                             10.1800 
_refine.ls_extinction_coef                       ? 
_refine.ls_extinction_coef_esd                   ? 
_refine.ls_extinction_expression                 ? 
_refine.ls_extinction_method                     ? 
_refine.ls_goodness_of_fit_all                   ? 
_refine.ls_goodness_of_fit_all_esd               ? 
_refine.ls_goodness_of_fit_obs                   ? 
_refine.ls_goodness_of_fit_obs_esd               ? 
_refine.ls_hydrogen_treatment                    ? 
_refine.ls_matrix_type                           ? 
_refine.ls_number_constraints                    ? 
_refine.ls_number_parameters                     ? 
_refine.ls_number_reflns_all                     ? 
_refine.ls_number_reflns_obs                     1226 
_refine.ls_number_reflns_R_free                  126 
_refine.ls_number_reflns_R_work                  ? 
_refine.ls_number_restraints                     ? 
_refine.ls_percent_reflns_obs                    87.1400 
_refine.ls_percent_reflns_R_free                 10.2800 
_refine.ls_R_factor_all                          ? 
_refine.ls_R_factor_obs                          0.2244 
_refine.ls_R_factor_R_free                       0.2664 
_refine.ls_R_factor_R_free_error                 ? 
_refine.ls_R_factor_R_free_error_details         ? 
_refine.ls_R_factor_R_work                       0.2194 
_refine.ls_R_Fsqd_factor_obs                     ? 
_refine.ls_R_I_factor_obs                        ? 
_refine.ls_redundancy_reflns_all                 ? 
_refine.ls_redundancy_reflns_obs                 ? 
_refine.ls_restrained_S_all                      ? 
_refine.ls_restrained_S_obs                      ? 
_refine.ls_shift_over_esd_max                    ? 
_refine.ls_shift_over_esd_mean                   ? 
_refine.ls_structure_factor_coef                 ? 
_refine.ls_weighting_details                     ? 
_refine.ls_weighting_scheme                      ? 
_refine.ls_wR_factor_all                         ? 
_refine.ls_wR_factor_obs                         ? 
_refine.ls_wR_factor_R_free                      ? 
_refine.ls_wR_factor_R_work                      ? 
_refine.occupancy_max                            ? 
_refine.occupancy_min                            ? 
_refine.solvent_model_details                    ? 
_refine.solvent_model_param_bsol                 ? 
_refine.solvent_model_param_ksol                 ? 
_refine.ls_R_factor_gt                           ? 
_refine.ls_goodness_of_fit_gt                    ? 
_refine.ls_goodness_of_fit_ref                   ? 
_refine.ls_shift_over_su_max                     ? 
_refine.ls_shift_over_su_max_lt                  ? 
_refine.ls_shift_over_su_mean                    ? 
_refine.ls_shift_over_su_mean_lt                 ? 
_refine.pdbx_ls_sigma_I                          ? 
_refine.pdbx_ls_sigma_F                          0.000 
_refine.pdbx_ls_sigma_Fsqd                       ? 
_refine.pdbx_data_cutoff_high_absF               ? 
_refine.pdbx_data_cutoff_high_rms_absF           ? 
_refine.pdbx_data_cutoff_low_absF                ? 
_refine.pdbx_isotropic_thermal_model             ? 
_refine.pdbx_ls_cross_valid_method               THROUGHOUT 
_refine.pdbx_method_to_determine_struct          'MOLECULAR REPLACEMENT' 
_refine.pdbx_starting_model                      ? 
_refine.pdbx_stereochemistry_target_values       ? 
_refine.pdbx_R_Free_selection_details            RANDOM 
_refine.pdbx_stereochem_target_val_spec_case     ? 
_refine.pdbx_overall_ESU_R                       ? 
_refine.pdbx_overall_ESU_R_Free                  ? 
_refine.pdbx_solvent_vdw_probe_radii             ? 
_refine.pdbx_solvent_ion_probe_radii             ? 
_refine.pdbx_solvent_shrinkage_radii             ? 
_refine.pdbx_real_space_R                        ? 
_refine.pdbx_density_correlation                 ? 
_refine.pdbx_pd_number_of_powder_patterns        ? 
_refine.pdbx_pd_number_of_points                 ? 
_refine.pdbx_pd_meas_number_of_points            ? 
_refine.pdbx_pd_proc_ls_prof_R_factor            ? 
_refine.pdbx_pd_proc_ls_prof_wR_factor           ? 
_refine.pdbx_pd_Marquardt_correlation_coeff      ? 
_refine.pdbx_pd_Fsqrd_R_factor                   ? 
_refine.pdbx_pd_ls_matrix_band_width             ? 
_refine.pdbx_overall_phase_error                 ? 
_refine.pdbx_overall_SU_R_free_Cruickshank_DPI   0.0700 
_refine.pdbx_overall_SU_R_free_Blow_DPI          0.0740 
_refine.pdbx_overall_SU_R_Blow_DPI               0.0670 
_refine.pdbx_TLS_residual_ADP_flag               ? 
_refine.pdbx_diffrn_id                           1 
_refine.overall_SU_B                             ? 
_refine.overall_SU_ML                            ? 
_refine.overall_SU_R_Cruickshank_DPI             0.0720 
_refine.overall_SU_R_free                        ? 
_refine.overall_FOM_free_R_set                   ? 
_refine.overall_FOM_work_R_set                   ? 
_refine.pdbx_average_fsc_overall                 ? 
_refine.pdbx_average_fsc_work                    ? 
_refine.pdbx_average_fsc_free                    ? 
# 
_refine_ls_shell.pdbx_refine_id                   'ELECTRON CRYSTALLOGRAPHY' 
_refine_ls_shell.d_res_high                       1.2500 
_refine_ls_shell.d_res_low                        1.4000 
_refine_ls_shell.number_reflns_all                277 
_refine_ls_shell.number_reflns_obs                ? 
_refine_ls_shell.number_reflns_R_free             29 
_refine_ls_shell.number_reflns_R_work             248 
_refine_ls_shell.percent_reflns_obs               87.1400 
_refine_ls_shell.percent_reflns_R_free            10.4700 
_refine_ls_shell.R_factor_all                     0.2458 
_refine_ls_shell.R_factor_obs                     ? 
_refine_ls_shell.R_factor_R_free                  0.2471 
_refine_ls_shell.R_factor_R_free_error            0.0000 
_refine_ls_shell.R_factor_R_work                  0.2456 
_refine_ls_shell.redundancy_reflns_all            ? 
_refine_ls_shell.redundancy_reflns_obs            ? 
_refine_ls_shell.wR_factor_all                    ? 
_refine_ls_shell.wR_factor_obs                    ? 
_refine_ls_shell.wR_factor_R_free                 ? 
_refine_ls_shell.wR_factor_R_work                 ? 
_refine_ls_shell.pdbx_total_number_of_bins_used   5 
_refine_ls_shell.pdbx_phase_error                 ? 
_refine_ls_shell.pdbx_fsc_work                    ? 
_refine_ls_shell.pdbx_fsc_free                    ? 
# 
_struct.entry_id                     5V5C 
_struct.title                        'VQIINK, Structure of the amyloid-spine from microtubule associated protein tau Repeat 2' 
_struct.pdbx_model_details           ? 
_struct.pdbx_formula_weight          ? 
_struct.pdbx_formula_weight_method   ? 
_struct.pdbx_model_type_details      ? 
_struct.pdbx_CASP_flag               N 
# 
_struct_keywords.entry_id        5V5C 
_struct_keywords.text            
;Amyloid, tau, Alzheimer's Disease, tauopathy, MAPT, STRUCTURAL PROTEIN
;
_struct_keywords.pdbx_keywords   'STRUCTURAL PROTEIN' 
# 
_struct_asym.id                            A 
_struct_asym.pdbx_blank_PDB_chainid_flag   N 
_struct_asym.pdbx_modified                 N 
_struct_asym.entity_id                     1 
_struct_asym.details                       ? 
# 
_struct_ref.id                         1 
_struct_ref.db_name                    PDB 
_struct_ref.db_code                    5V5C 
_struct_ref.pdbx_db_accession          5V5C 
_struct_ref.pdbx_db_isoform            ? 
_struct_ref.entity_id                  1 
_struct_ref.pdbx_seq_one_letter_code   ? 
_struct_ref.pdbx_align_begin           1 
# 
_struct_ref_seq.align_id                      1 
_struct_ref_seq.ref_id                        1 
_struct_ref_seq.pdbx_PDB_id_code              5V5C 
_struct_ref_seq.pdbx_strand_id                A 
_struct_ref_seq.seq_align_beg                 1 
_struct_ref_seq.pdbx_seq_align_beg_ins_code   ? 
_struct_ref_seq.seq_align_end                 6 
_struct_ref_seq.pdbx_seq_align_end_ins_code   ? 
_struct_ref_seq.pdbx_db_accession             5V5C 
_struct_ref_seq.db_align_beg                  275 
_struct_ref_seq.pdbx_db_align_beg_ins_code    ? 
_struct_ref_seq.db_align_end                  280 
_struct_ref_seq.pdbx_db_align_end_ins_code    ? 
_struct_ref_seq.pdbx_auth_seq_align_beg       275 
_struct_ref_seq.pdbx_auth_seq_align_end       280 
# 
_pdbx_struct_assembly.id                   1 
_pdbx_struct_assembly.details              author_defined_assembly 
_pdbx_struct_assembly.method_details       ? 
_pdbx_struct_assembly.oligomeric_details   octadecameric 
_pdbx_struct_assembly.oligomeric_count     18 
# 
loop_
_pdbx_struct_assembly_gen.assembly_id 
_pdbx_struct_assembly_gen.oper_expression 
_pdbx_struct_assembly_gen.asym_id_list 
1 1  A 
1 2  A 
1 3  A 
1 4  A 
1 5  A 
1 6  A 
1 7  A 
1 8  A 
1 9  A 
1 10 A 
1 11 A 
1 12 A 
1 13 A 
1 14 A 
1 15 A 
1 16 A 
1 17 A 
1 18 A 
# 
_pdbx_struct_assembly_auth_evidence.id                     1 
_pdbx_struct_assembly_auth_evidence.assembly_id            1 
_pdbx_struct_assembly_auth_evidence.experimental_support   homology 
_pdbx_struct_assembly_auth_evidence.details                ? 
# 
loop_
_pdbx_struct_oper_list.id 
_pdbx_struct_oper_list.type 
_pdbx_struct_oper_list.name 
_pdbx_struct_oper_list.symmetry_operation 
_pdbx_struct_oper_list.matrix[1][1] 
_pdbx_struct_oper_list.matrix[1][2] 
_pdbx_struct_oper_list.matrix[1][3] 
_pdbx_struct_oper_list.vector[1] 
_pdbx_struct_oper_list.matrix[2][1] 
_pdbx_struct_oper_list.matrix[2][2] 
_pdbx_struct_oper_list.matrix[2][3] 
_pdbx_struct_oper_list.vector[2] 
_pdbx_struct_oper_list.matrix[3][1] 
_pdbx_struct_oper_list.matrix[3][2] 
_pdbx_struct_oper_list.matrix[3][3] 
_pdbx_struct_oper_list.vector[3] 
1  'identity operation'         1_555 x,y,z             1.0000000000 0.0000000000 0.0000000000 0.0000000000  0.0000000000 1.0000000000  0.0000000000 0.0000000000   0.0000000000 0.0000000000 1.0000000000  0.0000000000   
2  'crystal symmetry operation' 1_551 x,y,z-4           1.0000000000 0.0000000000 0.0000000000 2.0068211636  0.0000000000 1.0000000000  0.0000000000 -15.4857532007 0.0000000000 0.0000000000 1.0000000000  11.3085152263  
3  'crystal symmetry operation' 1_552 x,y,z-3           1.0000000000 0.0000000000 0.0000000000 1.5051158727  0.0000000000 1.0000000000  0.0000000000 -11.6143149006 0.0000000000 0.0000000000 1.0000000000  8.4813864197   
4  'crystal symmetry operation' 1_553 x,y,z-2           1.0000000000 0.0000000000 0.0000000000 1.0034105818  0.0000000000 1.0000000000  0.0000000000 -7.7428766004  0.0000000000 0.0000000000 1.0000000000  5.6542576131   
5  'crystal symmetry operation' 1_554 x,y,z-1           1.0000000000 0.0000000000 0.0000000000 0.5017052909  0.0000000000 1.0000000000  0.0000000000 -3.8714383002  0.0000000000 0.0000000000 1.0000000000  2.8271288066   
6  'crystal symmetry operation' 1_556 x,y,z+1           1.0000000000 0.0000000000 0.0000000000 -0.5017052909 0.0000000000 1.0000000000  0.0000000000 3.8714383002   0.0000000000 0.0000000000 1.0000000000  -2.8271288066  
7  'crystal symmetry operation' 1_557 x,y,z+2           1.0000000000 0.0000000000 0.0000000000 -1.0034105818 0.0000000000 1.0000000000  0.0000000000 7.7428766004   0.0000000000 0.0000000000 1.0000000000  -5.6542576131  
8  'crystal symmetry operation' 1_558 x,y,z+3           1.0000000000 0.0000000000 0.0000000000 -1.5051158727 0.0000000000 1.0000000000  0.0000000000 11.6143149006  0.0000000000 0.0000000000 1.0000000000  -8.4813864197  
9  'crystal symmetry operation' 1_559 x,y,z+4           1.0000000000 0.0000000000 0.0000000000 -2.0068211636 0.0000000000 1.0000000000  0.0000000000 15.4857532007  0.0000000000 0.0000000000 1.0000000000  -11.3085152263 
10 'crystal symmetry operation' 4_551 x+1/2,-y+1/2,-z-4 0.9196846795 0.3612112246 0.1539692878 11.9286008115 0.3612112246 -0.9320338646 0.0289711303 -14.6277388132 0.1539692878 0.0289711303 -0.9876508148 15.1430040284  
11 'crystal symmetry operation' 4_552 x+1/2,-y+1/2,-z-3 0.9196846795 0.3612112246 0.1539692878 11.4268955206 0.3612112246 -0.9320338646 0.0289711303 -10.7563005130 0.1539692878 0.0289711303 -0.9876508148 12.3158752219  
12 'crystal symmetry operation' 4_553 x+1/2,-y+1/2,-z-2 0.9196846795 0.3612112246 0.1539692878 10.9251902297 0.3612112246 -0.9320338646 0.0289711303 -6.8848622128  0.1539692878 0.0289711303 -0.9876508148 9.4887464153   
13 'crystal symmetry operation' 4_554 x+1/2,-y+1/2,-z-1 0.9196846795 0.3612112246 0.1539692878 10.4234849388 0.3612112246 -0.9320338646 0.0289711303 -3.0134239126  0.1539692878 0.0289711303 -0.9876508148 6.6616176087   
14 'crystal symmetry operation' 4_555 x+1/2,-y+1/2,-z   0.9196846795 0.3612112246 0.1539692878 9.9217796479  0.3612112246 -0.9320338646 0.0289711303 0.8580143876   0.1539692878 0.0289711303 -0.9876508148 3.8344888021   
15 'crystal symmetry operation' 4_556 x+1/2,-y+1/2,-z+1 0.9196846795 0.3612112246 0.1539692878 9.4200743570  0.3612112246 -0.9320338646 0.0289711303 4.7294526878   0.1539692878 0.0289711303 -0.9876508148 1.0073599956   
16 'crystal symmetry operation' 4_557 x+1/2,-y+1/2,-z+2 0.9196846795 0.3612112246 0.1539692878 8.9183690661  0.3612112246 -0.9320338646 0.0289711303 8.6008909879   0.1539692878 0.0289711303 -0.9876508148 -1.8197688110  
17 'crystal symmetry operation' 4_558 x+1/2,-y+1/2,-z+3 0.9196846795 0.3612112246 0.1539692878 8.4166637752  0.3612112246 -0.9320338646 0.0289711303 12.4723292881  0.1539692878 0.0289711303 -0.9876508148 -4.6468976176  
18 'crystal symmetry operation' 4_559 x+1/2,-y+1/2,-z+4 0.9196846795 0.3612112246 0.1539692878 7.9149584843  0.3612112246 -0.9320338646 0.0289711303 16.3437675883  0.1539692878 0.0289711303 -0.9876508148 -7.4740264241  
# 
_phasing.method   MR 
# 
_em_3d_fitting.id                1 
_em_3d_fitting.entry_id          5V5C 
_em_3d_fitting.ref_space         ? 
_em_3d_fitting.ref_protocol      ? 
_em_3d_fitting.target_criteria   ? 
_em_3d_fitting.overall_b_value   ? 
_em_3d_fitting.method            ? 
_em_3d_fitting.details           ? 
# 
_em_3d_reconstruction.entry_id                    5V5C 
_em_3d_reconstruction.id                          1 
_em_3d_reconstruction.algorithm                   ? 
_em_3d_reconstruction.details                     ? 
_em_3d_reconstruction.refinement_type             ? 
_em_3d_reconstruction.image_processing_id         1 
_em_3d_reconstruction.num_class_averages          ? 
_em_3d_reconstruction.num_particles               ? 
_em_3d_reconstruction.resolution                  ? 
_em_3d_reconstruction.resolution_method           'DIFFRACTION PATTERN/LAYERLINES' 
_em_3d_reconstruction.symmetry_type               '3D CRYSTAL' 
_em_3d_reconstruction.method                      ? 
_em_3d_reconstruction.nominal_pixel_size          ? 
_em_3d_reconstruction.actual_pixel_size           ? 
_em_3d_reconstruction.magnification_calibration   ? 
# 
_em_buffer.id            1 
_em_buffer.details       ? 
_em_buffer.pH            7 
_em_buffer.specimen_id   1 
_em_buffer.name          ? 
# 
_em_entity_assembly.id                   1 
_em_entity_assembly.parent_id            0 
_em_entity_assembly.details              ? 
_em_entity_assembly.name                 'VQIINK Tau peptide' 
_em_entity_assembly.source               NATURAL 
_em_entity_assembly.type                 'ORGANELLE OR CELLULAR COMPONENT' 
_em_entity_assembly.entity_id_list       1 
_em_entity_assembly.synonym              ? 
_em_entity_assembly.oligomeric_details   ? 
# 
_em_imaging.id                              1 
_em_imaging.entry_id                        5V5C 
_em_imaging.accelerating_voltage            200 
_em_imaging.alignment_procedure             ? 
_em_imaging.c2_aperture_diameter            ? 
_em_imaging.calibrated_defocus_max          ? 
_em_imaging.calibrated_defocus_min          ? 
_em_imaging.calibrated_magnification        ? 
_em_imaging.cryogen                         ? 
_em_imaging.details                         ? 
_em_imaging.electron_source                 'FIELD EMISSION GUN' 
_em_imaging.illumination_mode               'FLOOD BEAM' 
_em_imaging.microscope_model                'FEI TECNAI 20' 
_em_imaging.mode                            DIFFRACTION 
_em_imaging.nominal_cs                      ? 
_em_imaging.nominal_defocus_max             ? 
_em_imaging.nominal_defocus_min             ? 
_em_imaging.nominal_magnification           ? 
_em_imaging.recording_temperature_maximum   ? 
_em_imaging.recording_temperature_minimum   ? 
_em_imaging.residual_tilt                   ? 
_em_imaging.specimen_holder_model           ? 
_em_imaging.specimen_id                     1 
_em_imaging.citation_id                     ? 
_em_imaging.date                            ? 
_em_imaging.temperature                     ? 
_em_imaging.tilt_angle_min                  ? 
_em_imaging.tilt_angle_max                  ? 
_em_imaging.astigmatism                     ? 
_em_imaging.detector_distance               ? 
_em_imaging.electron_beam_tilt_params       ? 
_em_imaging.specimen_holder_type            ? 
# 
_em_vitrification.id                    1 
_em_vitrification.specimen_id           1 
_em_vitrification.chamber_temperature   ? 
_em_vitrification.cryogen_name          ETHANE 
_em_vitrification.details               ? 
_em_vitrification.humidity              ? 
_em_vitrification.instrument            ? 
_em_vitrification.entry_id              5V5C 
_em_vitrification.citation_id           ? 
_em_vitrification.method                ? 
_em_vitrification.temp                  ? 
_em_vitrification.time_resolved_state   ? 
# 
_em_experiment.entry_id                5V5C 
_em_experiment.id                      1 
_em_experiment.aggregation_state       '3D ARRAY' 
_em_experiment.reconstruction_method   CRYSTALLOGRAPHY 
_em_experiment.entity_assembly_id      1 
# 
loop_
_chem_comp_atom.comp_id 
_chem_comp_atom.atom_id 
_chem_comp_atom.type_symbol 
_chem_comp_atom.pdbx_aromatic_flag 
_chem_comp_atom.pdbx_stereo_config 
_chem_comp_atom.pdbx_ordinal 
ASN N    N N N 1   
ASN CA   C N S 2   
ASN C    C N N 3   
ASN O    O N N 4   
ASN CB   C N N 5   
ASN CG   C N N 6   
ASN OD1  O N N 7   
ASN ND2  N N N 8   
ASN OXT  O N N 9   
ASN H    H N N 10  
ASN H2   H N N 11  
ASN HA   H N N 12  
ASN HB2  H N N 13  
ASN HB3  H N N 14  
ASN HD21 H N N 15  
ASN HD22 H N N 16  
ASN HXT  H N N 17  
GLN N    N N N 18  
GLN CA   C N S 19  
GLN C    C N N 20  
GLN O    O N N 21  
GLN CB   C N N 22  
GLN CG   C N N 23  
GLN CD   C N N 24  
GLN OE1  O N N 25  
GLN NE2  N N N 26  
GLN OXT  O N N 27  
GLN H    H N N 28  
GLN H2   H N N 29  
GLN HA   H N N 30  
GLN HB2  H N N 31  
GLN HB3  H N N 32  
GLN HG2  H N N 33  
GLN HG3  H N N 34  
GLN HE21 H N N 35  
GLN HE22 H N N 36  
GLN HXT  H N N 37  
ILE N    N N N 38  
ILE CA   C N S 39  
ILE C    C N N 40  
ILE O    O N N 41  
ILE CB   C N S 42  
ILE CG1  C N N 43  
ILE CG2  C N N 44  
ILE CD1  C N N 45  
ILE OXT  O N N 46  
ILE H    H N N 47  
ILE H2   H N N 48  
ILE HA   H N N 49  
ILE HB   H N N 50  
ILE HG12 H N N 51  
ILE HG13 H N N 52  
ILE HG21 H N N 53  
ILE HG22 H N N 54  
ILE HG23 H N N 55  
ILE HD11 H N N 56  
ILE HD12 H N N 57  
ILE HD13 H N N 58  
ILE HXT  H N N 59  
LYS N    N N N 60  
LYS CA   C N S 61  
LYS C    C N N 62  
LYS O    O N N 63  
LYS CB   C N N 64  
LYS CG   C N N 65  
LYS CD   C N N 66  
LYS CE   C N N 67  
LYS NZ   N N N 68  
LYS OXT  O N N 69  
LYS H    H N N 70  
LYS H2   H N N 71  
LYS HA   H N N 72  
LYS HB2  H N N 73  
LYS HB3  H N N 74  
LYS HG2  H N N 75  
LYS HG3  H N N 76  
LYS HD2  H N N 77  
LYS HD3  H N N 78  
LYS HE2  H N N 79  
LYS HE3  H N N 80  
LYS HZ1  H N N 81  
LYS HZ2  H N N 82  
LYS HZ3  H N N 83  
LYS HXT  H N N 84  
VAL N    N N N 85  
VAL CA   C N S 86  
VAL C    C N N 87  
VAL O    O N N 88  
VAL CB   C N N 89  
VAL CG1  C N N 90  
VAL CG2  C N N 91  
VAL OXT  O N N 92  
VAL H    H N N 93  
VAL H2   H N N 94  
VAL HA   H N N 95  
VAL HB   H N N 96  
VAL HG11 H N N 97  
VAL HG12 H N N 98  
VAL HG13 H N N 99  
VAL HG21 H N N 100 
VAL HG22 H N N 101 
VAL HG23 H N N 102 
VAL HXT  H N N 103 
# 
loop_
_chem_comp_bond.comp_id 
_chem_comp_bond.atom_id_1 
_chem_comp_bond.atom_id_2 
_chem_comp_bond.value_order 
_chem_comp_bond.pdbx_aromatic_flag 
_chem_comp_bond.pdbx_stereo_config 
_chem_comp_bond.pdbx_ordinal 
ASN N   CA   sing N N 1  
ASN N   H    sing N N 2  
ASN N   H2   sing N N 3  
ASN CA  C    sing N N 4  
ASN CA  CB   sing N N 5  
ASN CA  HA   sing N N 6  
ASN C   O    doub N N 7  
ASN C   OXT  sing N N 8  
ASN CB  CG   sing N N 9  
ASN CB  HB2  sing N N 10 
ASN CB  HB3  sing N N 11 
ASN CG  OD1  doub N N 12 
ASN CG  ND2  sing N N 13 
ASN ND2 HD21 sing N N 14 
ASN ND2 HD22 sing N N 15 
ASN OXT HXT  sing N N 16 
GLN N   CA   sing N N 17 
GLN N   H    sing N N 18 
GLN N   H2   sing N N 19 
GLN CA  C    sing N N 20 
GLN CA  CB   sing N N 21 
GLN CA  HA   sing N N 22 
GLN C   O    doub N N 23 
GLN C   OXT  sing N N 24 
GLN CB  CG   sing N N 25 
GLN CB  HB2  sing N N 26 
GLN CB  HB3  sing N N 27 
GLN CG  CD   sing N N 28 
GLN CG  HG2  sing N N 29 
GLN CG  HG3  sing N N 30 
GLN CD  OE1  doub N N 31 
GLN CD  NE2  sing N N 32 
GLN NE2 HE21 sing N N 33 
GLN NE2 HE22 sing N N 34 
GLN OXT HXT  sing N N 35 
ILE N   CA   sing N N 36 
ILE N   H    sing N N 37 
ILE N   H2   sing N N 38 
ILE CA  C    sing N N 39 
ILE CA  CB   sing N N 40 
ILE CA  HA   sing N N 41 
ILE C   O    doub N N 42 
ILE C   OXT  sing N N 43 
ILE CB  CG1  sing N N 44 
ILE CB  CG2  sing N N 45 
ILE CB  HB   sing N N 46 
ILE CG1 CD1  sing N N 47 
ILE CG1 HG12 sing N N 48 
ILE CG1 HG13 sing N N 49 
ILE CG2 HG21 sing N N 50 
ILE CG2 HG22 sing N N 51 
ILE CG2 HG23 sing N N 52 
ILE CD1 HD11 sing N N 53 
ILE CD1 HD12 sing N N 54 
ILE CD1 HD13 sing N N 55 
ILE OXT HXT  sing N N 56 
LYS N   CA   sing N N 57 
LYS N   H    sing N N 58 
LYS N   H2   sing N N 59 
LYS CA  C    sing N N 60 
LYS CA  CB   sing N N 61 
LYS CA  HA   sing N N 62 
LYS C   O    doub N N 63 
LYS C   OXT  sing N N 64 
LYS CB  CG   sing N N 65 
LYS CB  HB2  sing N N 66 
LYS CB  HB3  sing N N 67 
LYS CG  CD   sing N N 68 
LYS CG  HG2  sing N N 69 
LYS CG  HG3  sing N N 70 
LYS CD  CE   sing N N 71 
LYS CD  HD2  sing N N 72 
LYS CD  HD3  sing N N 73 
LYS CE  NZ   sing N N 74 
LYS CE  HE2  sing N N 75 
LYS CE  HE3  sing N N 76 
LYS NZ  HZ1  sing N N 77 
LYS NZ  HZ2  sing N N 78 
LYS NZ  HZ3  sing N N 79 
LYS OXT HXT  sing N N 80 
VAL N   CA   sing N N 81 
VAL N   H    sing N N 82 
VAL N   H2   sing N N 83 
VAL CA  C    sing N N 84 
VAL CA  CB   sing N N 85 
VAL CA  HA   sing N N 86 
VAL C   O    doub N N 87 
VAL C   OXT  sing N N 88 
VAL CB  CG1  sing N N 89 
VAL CB  CG2  sing N N 90 
VAL CB  HB   sing N N 91 
VAL CG1 HG11 sing N N 92 
VAL CG1 HG12 sing N N 93 
VAL CG1 HG13 sing N N 94 
VAL CG2 HG21 sing N N 95 
VAL CG2 HG22 sing N N 96 
VAL CG2 HG23 sing N N 97 
VAL OXT HXT  sing N N 98 
# 
_em_3d_crystal_entity.id                    1 
_em_3d_crystal_entity.image_processing_id   1 
_em_3d_crystal_entity.angle_alpha           90 
_em_3d_crystal_entity.angle_beta            90 
_em_3d_crystal_entity.angle_gamma           90 
_em_3d_crystal_entity.length_a              20.36 
_em_3d_crystal_entity.length_b              43.22 
_em_3d_crystal_entity.length_c              4.82 
_em_3d_crystal_entity.space_group_name      'P 21 21 2' 
_em_3d_crystal_entity.space_group_num       18 
# 
_em_crystal_formation.id                    1 
_em_crystal_formation.specimen_id           1 
_em_crystal_formation.atmosphere            ? 
_em_crystal_formation.details               ? 
_em_crystal_formation.instrument            ? 
_em_crystal_formation.lipid_mixture         ? 
_em_crystal_formation.lipid_protein_ratio   ? 
_em_crystal_formation.temperature           291 
_em_crystal_formation.time                  ? 
_em_crystal_formation.time_unit             ? 
# 
_em_ctf_correction.id                       1 
_em_ctf_correction.em_image_processing_id   1 
_em_ctf_correction.type                     NONE 
_em_ctf_correction.details                  ? 
# 
_em_diffraction.id                1 
_em_diffraction.camera_length     730 
_em_diffraction.imaging_id        1 
_em_diffraction.tilt_angle_list   ? 
# 
_em_diffraction_shell.id                        1 
_em_diffraction_shell.em_diffraction_stats_id   1 
_em_diffraction_shell.fourier_space_coverage    71.6 
_em_diffraction_shell.high_resolution           1.25 
_em_diffraction_shell.low_resolution            1.31 
_em_diffraction_shell.multiplicity              2.5 
_em_diffraction_shell.num_structure_factors     106 
_em_diffraction_shell.phase_residual            0.1 
# 
_em_diffraction_stats.id                               1 
_em_diffraction_stats.details                          'This is a crystallography experiment. Phases were not measured.' 
_em_diffraction_stats.image_processing_id              1 
_em_diffraction_stats.fourier_space_coverage           86.8 
_em_diffraction_stats.high_resolution                  1.25 
_em_diffraction_stats.num_intensities_measured         5454 
_em_diffraction_stats.num_structure_factors            1226 
_em_diffraction_stats.overall_phase_error              0.1 
_em_diffraction_stats.overall_phase_residual           0.1 
_em_diffraction_stats.phase_error_rejection_criteria   0.1 
_em_diffraction_stats.r_merge                          23.9 
_em_diffraction_stats.r_sym                            23.9 
# 
_em_entity_assembly_naturalsource.id                   1 
_em_entity_assembly_naturalsource.entity_assembly_id   1 
_em_entity_assembly_naturalsource.cell                 ? 
_em_entity_assembly_naturalsource.cellular_location    ? 
_em_entity_assembly_naturalsource.ncbi_tax_id          9606 
_em_entity_assembly_naturalsource.organ                ? 
_em_entity_assembly_naturalsource.organelle            ? 
_em_entity_assembly_naturalsource.organism             'Homo sapiens' 
_em_entity_assembly_naturalsource.strain               ? 
_em_entity_assembly_naturalsource.tissue               ? 
# 
_em_image_processing.id                   1 
_em_image_processing.image_recording_id   1 
_em_image_processing.details              ? 
# 
_em_image_recording.id                            1 
_em_image_recording.imaging_id                    1 
_em_image_recording.avg_electron_dose_per_image   0.1 
_em_image_recording.average_exposure_time         ? 
_em_image_recording.details                       ? 
_em_image_recording.detector_mode                 ? 
_em_image_recording.film_or_detector_model        'TVIPS TEMCAM-F416 (4k x 4k)' 
_em_image_recording.num_diffraction_images        ? 
_em_image_recording.num_grids_imaged              ? 
_em_image_recording.num_real_images               ? 
# 
loop_
_em_software.id 
_em_software.category 
_em_software.details 
_em_software.name 
_em_software.version 
_em_software.image_processing_id 
_em_software.fitting_id 
_em_software.imaging_id 
1  'IMAGE ACQUISITION'             ? ?      ?      ? ? 1 
2  MASKING                         ? ?      ?      ? ? ? 
3  'CTF CORRECTION'                ? ?      ?      1 ? ? 
4  'LAYERLINE INDEXING'            ? ?      ?      ? ? ? 
5  'DIFFRACTION INDEXING'          ? ?      ?      ? ? ? 
6  'MODEL FITTING'                 ? Coot   0.8.2  ? 1 ? 
7  OTHER                           ? ?      ?      ? ? ? 
8  'MOLECULAR REPLACEMENT'         ? Phaser ?      1 ? ? 
9  'LATTICE DISTORTION CORRECTION' ? ?      ?      1 ? ? 
10 'SYMMETRY DETERMINATION'        ? XDS    ?      1 ? ? 
11 'CRYSTALLOGRAPHY MERGING'       ? XSCALE ?      1 ? ? 
12 RECONSTRUCTION                  ? ?      ?      1 ? ? 
13 'MODEL REFINEMENT'              ? BUSTER 2.10.0 ? 1 ? 
# 
_em_specimen.id                      1 
_em_specimen.experiment_id           1 
_em_specimen.concentration           ? 
_em_specimen.details                 '3D micro-crystal' 
_em_specimen.embedding_applied       NO 
_em_specimen.shadowing_applied       NO 
_em_specimen.staining_applied        NO 
_em_specimen.vitrification_applied   YES 
# 
loop_
_pdbx_audit_support.funding_organization 
_pdbx_audit_support.country 
_pdbx_audit_support.grant_number 
_pdbx_audit_support.ordinal 
'National Institutes of Health/National Institute of Neurological Disorders and Stroke (NIH/NINDS)' 'United States' 
'1F32 NS095661' 1 
'National Institutes of Health/National Institute on Aging (NIH/NIA)'                               'United States' 
'1R01 AG029430' 2 
'National Institutes of Health/National Institute on Aging (NIH/NIA)'                               'United States' 'RF1 AG054022' 
3 
# 
_atom_sites.entry_id                    5V5C 
_atom_sites.fract_transf_matrix[1][1]   0.04811970 
_atom_sites.fract_transf_matrix[1][2]   0.00905429 
_atom_sites.fract_transf_matrix[1][3]   0.00385947 
_atom_sites.fract_transf_matrix[2][1]   0.00396199 
_atom_sites.fract_transf_matrix[2][2]   -0.01310629 
_atom_sites.fract_transf_matrix[2][3]   -0.01865070 
_atom_sites.fract_transf_matrix[3][1]   -0.02159508 
_atom_sites.fract_transf_matrix[3][2]   0.16663972 
_atom_sites.fract_transf_matrix[3][3]   -0.12168913 
_atom_sites.fract_transf_vector[1]      0.299460 
_atom_sites.fract_transf_vector[2]      0.271721 
_atom_sites.fract_transf_vector[3]      0.268949 
# 
loop_
_atom_type.symbol 
C 
H 
N 
O 
# 
loop_
_atom_site.group_PDB 
_atom_site.id 
_atom_site.type_symbol 
_atom_site.label_atom_id 
_atom_site.label_alt_id 
_atom_site.label_comp_id 
_atom_site.label_asym_id 
_atom_site.label_entity_id 
_atom_site.label_seq_id 
_atom_site.pdbx_PDB_ins_code 
_atom_site.Cartn_x 
_atom_site.Cartn_y 
_atom_site.Cartn_z 
_atom_site.occupancy 
_atom_site.B_iso_or_equiv 
_atom_site.pdbx_formal_charge 
_atom_site.auth_seq_id 
_atom_site.auth_comp_id 
_atom_site.auth_asym_id 
_atom_site.auth_atom_id 
_atom_site.pdbx_PDB_model_num 
ATOM 1   N N    . VAL A 1 1 ? -4.243 4.201  7.354  1.00 13.25 ? 275 VAL A N    1 
ATOM 2   C CA   . VAL A 1 1 ? -3.125 4.306  6.429  1.00 12.17 ? 275 VAL A CA   1 
ATOM 3   C C    . VAL A 1 1 ? -3.018 3.043  5.585  1.00 9.47  ? 275 VAL A C    1 
ATOM 4   O O    . VAL A 1 1 ? -3.167 1.936  6.120  1.00 8.59  ? 275 VAL A O    1 
ATOM 5   C CB   . VAL A 1 1 ? -1.812 4.572  7.215  1.00 17.45 ? 275 VAL A CB   1 
ATOM 6   C CG1  . VAL A 1 1 ? -0.585 4.521  6.303  1.00 17.43 ? 275 VAL A CG1  1 
ATOM 7   C CG2  . VAL A 1 1 ? -1.883 5.904  7.949  1.00 17.65 ? 275 VAL A CG2  1 
ATOM 8   H H1   . VAL A 1 1 ? -4.047 3.643  8.179  1.00 12.71 ? 275 VAL A H1   1 
ATOM 9   H HA   . VAL A 1 1 ? -3.310 5.153  5.770  1.00 12.99 ? 275 VAL A HA   1 
ATOM 10  H HB   . VAL A 1 1 ? -1.692 3.791  7.964  1.00 18.07 ? 275 VAL A HB   1 
ATOM 11  H HG11 . VAL A 1 1 ? -0.293 3.483  6.145  1.00 16.93 ? 275 VAL A HG11 1 
ATOM 12  H HG12 . VAL A 1 1 ? 0.237  5.062  6.771  1.00 17.44 ? 275 VAL A HG12 1 
ATOM 13  H HG13 . VAL A 1 1 ? -0.835 4.983  5.349  1.00 18.00 ? 275 VAL A HG13 1 
ATOM 14  H HG21 . VAL A 1 1 ? -1.994 6.702  7.217  1.00 17.65 ? 275 VAL A HG21 1 
ATOM 15  H HG22 . VAL A 1 1 ? -0.967 6.048  8.519  1.00 17.37 ? 275 VAL A HG22 1 
ATOM 16  H HG23 . VAL A 1 1 ? -2.736 5.900  8.626  1.00 17.79 ? 275 VAL A HG23 1 
ATOM 17  N N    . GLN A 1 2 ? -2.806 3.203  4.259  1.00 4.51  ? 276 GLN A N    1 
ATOM 18  C CA   . GLN A 1 2 ? -2.632 2.079  3.329  1.00 4.67  ? 276 GLN A CA   1 
ATOM 19  C C    . GLN A 1 2 ? -1.476 2.361  2.396  1.00 3.96  ? 276 GLN A C    1 
ATOM 20  O O    . GLN A 1 2 ? -1.568 3.261  1.551  1.00 3.01  ? 276 GLN A O    1 
ATOM 21  C CB   . GLN A 1 2 ? -3.876 1.834  2.470  1.00 5.87  ? 276 GLN A CB   1 
ATOM 22  C CG   . GLN A 1 2 ? -5.123 1.420  3.206  1.00 8.57  ? 276 GLN A CG   1 
ATOM 23  C CD   . GLN A 1 2 ? -6.259 1.123  2.236  1.00 4.41  ? 276 GLN A CD   1 
ATOM 24  O OE1  . GLN A 1 2 ? -6.520 1.899  1.308  1.00 12.30 ? 276 GLN A OE1  1 
ATOM 25  N NE2  . GLN A 1 2 ? -6.966 0.041  2.428  1.00 5.10  ? 276 GLN A NE2  1 
ATOM 26  H H    . GLN A 1 2 ? -2.739 4.109  3.805  1.00 6.85  ? 276 GLN A H    1 
ATOM 27  H HA   . GLN A 1 2 ? -2.433 1.165  3.879  1.00 5.37  ? 276 GLN A HA   1 
ATOM 28  H HB2  . GLN A 1 2 ? -4.093 2.753  1.927  1.00 5.27  ? 276 GLN A HB2  1 
ATOM 29  H HB3  . GLN A 1 2 ? -3.651 1.036  1.765  1.00 5.44  ? 276 GLN A HB3  1 
ATOM 30  H HG2  . GLN A 1 2 ? -4.902 0.538  3.807  1.00 9.80  ? 276 GLN A HG2  1 
ATOM 31  H HG3  . GLN A 1 2 ? -5.439 2.241  3.849  1.00 9.55  ? 276 GLN A HG3  1 
ATOM 32  H HE21 . GLN A 1 2 ? -7.738 -0.177 1.805  1.00 4.12  ? 276 GLN A HE21 1 
ATOM 33  H HE22 . GLN A 1 2 ? -6.770 -0.572 3.213  1.00 5.72  ? 276 GLN A HE22 1 
ATOM 34  N N    . ILE A 1 3 ? -0.398 1.566  2.540  1.00 3.00  ? 277 ILE A N    1 
ATOM 35  C CA   . ILE A 1 3 ? 0.797  1.579  1.697  1.00 3.00  ? 277 ILE A CA   1 
ATOM 36  C C    . ILE A 1 3 ? 0.785  0.254  0.931  1.00 6.45  ? 277 ILE A C    1 
ATOM 37  O O    . ILE A 1 3 ? 0.936  -0.808 1.547  1.00 3.19  ? 277 ILE A O    1 
ATOM 38  C CB   . ILE A 1 3 ? 2.062  1.748  2.564  1.00 6.55  ? 277 ILE A CB   1 
ATOM 39  C CG1  . ILE A 1 3 ? 1.874  2.942  3.505  1.00 8.12  ? 277 ILE A CG1  1 
ATOM 40  C CG2  . ILE A 1 3 ? 3.277  1.933  1.658  1.00 8.66  ? 277 ILE A CG2  1 
ATOM 41  C CD1  . ILE A 1 3 ? 2.997  3.263  4.384  1.00 18.90 ? 277 ILE A CD1  1 
ATOM 42  H H    . ILE A 1 3 ? -0.329 0.880  3.285  1.00 5.10  ? 277 ILE A H    1 
ATOM 43  H HA   . ILE A 1 3 ? 0.754  2.415  1.003  1.00 5.84  ? 277 ILE A HA   1 
ATOM 44  H HB   . ILE A 1 3 ? 2.201  0.850  3.164  1.00 5.54  ? 277 ILE A HB   1 
ATOM 45  H HG12 . ILE A 1 3 ? 1.649  3.823  2.906  1.00 6.75  ? 277 ILE A HG12 1 
ATOM 46  H HG13 . ILE A 1 3 ? 1.039  2.729  4.169  1.00 7.83  ? 277 ILE A HG13 1 
ATOM 47  H HG21 . ILE A 1 3 ? 3.328  1.091  0.971  1.00 8.92  ? 277 ILE A HG21 1 
ATOM 48  H HG22 . ILE A 1 3 ? 4.182  1.958  2.262  1.00 7.56  ? 277 ILE A HG22 1 
ATOM 49  H HG23 . ILE A 1 3 ? 3.175  2.866  1.107  1.00 9.81  ? 277 ILE A HG23 1 
ATOM 50  H HD11 . ILE A 1 3 ? 3.304  2.357  4.904  1.00 18.66 ? 277 ILE A HD11 1 
ATOM 51  H HD12 . ILE A 1 3 ? 2.663  4.006  5.106  1.00 19.19 ? 277 ILE A HD12 1 
ATOM 52  H HD13 . ILE A 1 3 ? 3.818  3.666  3.795  1.00 18.46 ? 277 ILE A HD13 1 
ATOM 53  N N    . ILE A 1 4 ? 0.575  0.307  -0.399 1.00 4.14  ? 278 ILE A N    1 
ATOM 54  C CA   . ILE A 1 4 ? 0.451  -0.885 -1.228 1.00 3.00  ? 278 ILE A CA   1 
ATOM 55  C C    . ILE A 1 4 ? 1.380  -0.909 -2.435 1.00 3.00  ? 278 ILE A C    1 
ATOM 56  O O    . ILE A 1 4 ? 1.262  -0.036 -3.279 1.00 3.00  ? 278 ILE A O    1 
ATOM 57  C CB   . ILE A 1 4 ? -1.024 -1.036 -1.714 1.00 8.10  ? 278 ILE A CB   1 
ATOM 58  C CG1  . ILE A 1 4 ? -2.032 -1.082 -0.516 1.00 10.62 ? 278 ILE A CG1  1 
ATOM 59  C CG2  . ILE A 1 4 ? -1.197 -2.254 -2.657 1.00 9.93  ? 278 ILE A CG2  1 
ATOM 60  C CD1  . ILE A 1 4 ? -3.515 -1.139 -0.919 1.00 22.62 ? 278 ILE A CD1  1 
ATOM 61  H H    . ILE A 1 4 ? 0.505  1.169  -0.929 1.00 5.58  ? 278 ILE A H    1 
ATOM 62  H HA   . ILE A 1 4 ? 0.662  -1.764 -0.623 1.00 7.09  ? 278 ILE A HA   1 
ATOM 63  H HB   . ILE A 1 4 ? -1.247 -0.143 -2.296 1.00 8.20  ? 278 ILE A HB   1 
ATOM 64  H HG12 . ILE A 1 4 ? -1.816 -1.959 0.092  1.00 12.05 ? 278 ILE A HG12 1 
ATOM 65  H HG13 . ILE A 1 4 ? -1.925 -0.183 0.088  1.00 11.32 ? 278 ILE A HG13 1 
ATOM 66  H HG21 . ILE A 1 4 ? -1.103 -1.910 -3.686 1.00 10.89 ? 278 ILE A HG21 1 
ATOM 67  H HG22 . ILE A 1 4 ? -2.167 -2.726 -2.512 1.00 9.00  ? 278 ILE A HG22 1 
ATOM 68  H HG23 . ILE A 1 4 ? -0.423 -2.989 -2.440 1.00 11.60 ? 278 ILE A HG23 1 
ATOM 69  H HD11 . ILE A 1 4 ? -3.649 -0.574 -1.839 1.00 22.47 ? 278 ILE A HD11 1 
ATOM 70  H HD12 . ILE A 1 4 ? -4.107 -0.691 -0.123 1.00 22.64 ? 278 ILE A HD12 1 
ATOM 71  H HD13 . ILE A 1 4 ? -3.817 -2.176 -1.061 1.00 23.25 ? 278 ILE A HD13 1 
ATOM 72  N N    . ASN A 1 5 ? 2.144  -1.999 -2.609 1.00 3.00  ? 279 ASN A N    1 
ATOM 73  C CA   . ASN A 1 5 ? 2.995  -2.223 -3.780 1.00 4.12  ? 279 ASN A CA   1 
ATOM 74  C C    . ASN A 1 5 ? 2.595  -3.553 -4.452 1.00 11.78 ? 279 ASN A C    1 
ATOM 75  O O    . ASN A 1 5 ? 2.902  -4.615 -3.912 1.00 9.41  ? 279 ASN A O    1 
ATOM 76  C CB   . ASN A 1 5 ? 4.463  -2.201 -3.399 1.00 7.78  ? 279 ASN A CB   1 
ATOM 77  C CG   . ASN A 1 5 ? 5.395  -2.373 -4.571 1.00 23.37 ? 279 ASN A CG   1 
ATOM 78  O OD1  . ASN A 1 5 ? 5.685  -1.413 -5.295 1.00 11.46 ? 279 ASN A OD1  1 
ATOM 79  N ND2  . ASN A 1 5 ? 5.914  -3.581 -4.772 1.00 18.33 ? 279 ASN A ND2  1 
ATOM 80  H H    . ASN A 1 5 ? 2.209  -2.753 -1.932 1.00 3.28  ? 279 ASN A H    1 
ATOM 81  H HA   . ASN A 1 5 ? 2.859  -1.413 -4.493 1.00 5.26  ? 279 ASN A HA   1 
ATOM 82  H HB2  . ASN A 1 5 ? 4.663  -1.212 -2.992 1.00 4.21  ? 279 ASN A HB2  1 
ATOM 83  H HB3  . ASN A 1 5 ? 4.661  -2.964 -2.648 1.00 8.58  ? 279 ASN A HB3  1 
ATOM 84  H HD21 . ASN A 1 5 ? 6.543  -3.739 -5.552 1.00 18.02 ? 279 ASN A HD21 1 
ATOM 85  H HD22 . ASN A 1 5 ? 5.684  -4.350 -4.150 1.00 19.06 ? 279 ASN A HD22 1 
ATOM 86  N N    . LYS A 1 6 ? 1.994  -3.657 -5.748 1.00 11.28 ? 280 LYS A N    1 
ATOM 87  C CA   . LYS A 1 6 ? 1.516  -4.856 -6.448 1.00 17.28 ? 280 LYS A CA   1 
ATOM 88  C C    . LYS A 1 6 ? 2.225  -5.088 -7.792 1.00 30.71 ? 280 LYS A C    1 
ATOM 89  O O    . LYS A 1 6 ? 2.849  -4.143 -8.323 1.00 36.70 ? 280 LYS A O    1 
ATOM 90  C CB   . LYS A 1 6 ? -0.026 -4.827 -6.601 1.00 21.35 ? 280 LYS A CB   1 
ATOM 91  C CG   . LYS A 1 6 ? -0.588 -3.664 -7.430 1.00 36.04 ? 280 LYS A CG   1 
ATOM 92  C CD   . LYS A 1 6 ? -2.122 -3.669 -7.560 1.00 41.32 ? 280 LYS A CD   1 
ATOM 93  C CE   . LYS A 1 6 ? -2.864 -3.392 -6.274 1.00 48.14 ? 280 LYS A CE   1 
ATOM 94  N NZ   . LYS A 1 6 ? -4.342 -3.412 -6.463 1.00 49.96 ? 280 LYS A NZ   1 
ATOM 95  O OXT  . LYS A 1 6 ? 2.236  -6.248 -8.259 1.00 45.04 ? 280 LYS A OXT  1 
ATOM 96  H H    . LYS A 1 6 ? 1.860  -2.800 -6.275 1.00 10.89 ? 280 LYS A H    1 
ATOM 97  H HA   . LYS A 1 6 ? 1.740  -5.735 -5.847 1.00 16.42 ? 280 LYS A HA   1 
ATOM 98  H HB2  . LYS A 1 6 ? -0.339 -5.756 -7.074 1.00 21.36 ? 280 LYS A HB2  1 
ATOM 99  H HB3  . LYS A 1 6 ? -0.463 -4.759 -5.605 1.00 21.68 ? 280 LYS A HB3  1 
ATOM 100 H HG2  . LYS A 1 6 ? -0.295 -2.723 -6.966 1.00 36.27 ? 280 LYS A HG2  1 
ATOM 101 H HG3  . LYS A 1 6 ? -0.189 -3.729 -8.441 1.00 36.13 ? 280 LYS A HG3  1 
ATOM 102 H HD2  . LYS A 1 6 ? -2.410 -2.897 -8.269 1.00 41.41 ? 280 LYS A HD2  1 
ATOM 103 H HD3  . LYS A 1 6 ? -2.443 -4.643 -7.927 1.00 41.31 ? 280 LYS A HD3  1 
ATOM 104 H HE2  . LYS A 1 6 ? -2.604 -4.153 -5.537 1.00 48.48 ? 280 LYS A HE2  1 
ATOM 105 H HE3  . LYS A 1 6 ? -2.585 -2.405 -5.909 1.00 48.21 ? 280 LYS A HE3  1 
ATOM 106 H HZ2  . LYS A 1 6 ? -4.797 -3.657 -5.590 1.00 49.93 ? 280 LYS A HZ2  1 
ATOM 107 H HZ3  . LYS A 1 6 ? -4.605 -4.090 -7.171 1.00 49.81 ? 280 LYS A HZ3  1 
# 
